data_4USV
#
_entry.id   4USV
#
_cell.length_a   100.870
_cell.length_b   100.870
_cell.length_c   97.150
_cell.angle_alpha   90.00
_cell.angle_beta   90.00
_cell.angle_gamma   120.00
#
_symmetry.space_group_name_H-M   'P 63'
#
loop_
_entity.id
_entity.type
_entity.pdbx_description
1 polymer 'ADENYLATE CYCLASE TYPE 10'
2 non-polymer 'CHLORIDE ION'
3 non-polymer 'CALCIUM ION'
4 non-polymer 1,2-ETHANEDIOL
5 non-polymer 'ACETATE ION'
6 non-polymer 'PYROPHOSPHATE 2-'
7 non-polymer GLYCEROL
8 water water
#
_entity_poly.entity_id   1
_entity_poly.type   'polypeptide(L)'
_entity_poly.pdbx_seq_one_letter_code
;MNTPKEEFQDWPIVRIAAHLPDLIVYGHFSPERPFMDYFDGVLMFVDISGFTAMTEKFSSAMYMDRGAEQLVEILNYHIS
AIVEKVLIFGGDILKFAGDALLALWRVERKQLKNIITVVIKCSLEIHGLFETQEWEEGLDIRVKIGLAAGHISMLVFGDE
THSHFLVIGQAVDDVRLAQNMAQMNDVILSPNCWQLCDRSMIEIESVPDQRAVKVNFLKPPPNFNFDEFFTKCTTFMHYY
PSGEHKNLLRLA(CME)TLKPDPELEMSLQKYVMESILKQIDNKQLQGYLSELRPVTIVFVNLMFEDQDKAEEIGPAIQD
AYMHITSVLKIFQGQINKVFMFDKGCSFLCVFGFPGEKVPDELTHALECAMDIFDFCSQVHKIQTVSIGVASGIVFCGIV
GHTVRHEYTVIGQKVNLAARMMMYYPGIVTCDSVTYNGSNLPAYFFKELPKKVMKGVADSGPLYQYWGRTEKVHHHHHH
;
_entity_poly.pdbx_strand_id   A
#
loop_
_chem_comp.id
_chem_comp.type
_chem_comp.name
_chem_comp.formula
ACT non-polymer 'ACETATE ION' 'C2 H3 O2 -1'
CA non-polymer 'CALCIUM ION' 'Ca 2'
CL non-polymer 'CHLORIDE ION' 'Cl -1'
EDO non-polymer 1,2-ETHANEDIOL 'C2 H6 O2'
GOL non-polymer GLYCEROL 'C3 H8 O3'
POP non-polymer 'PYROPHOSPHATE 2-' 'H2 O7 P2 -2'
#
# COMPACT_ATOMS: atom_id res chain seq x y z
N MET A 1 8.02 -14.99 -48.15
CA MET A 1 6.91 -15.06 -47.09
C MET A 1 7.17 -14.02 -46.04
N ASN A 2 6.25 -13.09 -45.84
CA ASN A 2 6.45 -12.05 -44.89
C ASN A 2 6.58 -12.49 -43.43
N THR A 3 7.29 -11.67 -42.65
CA THR A 3 7.39 -11.81 -41.21
C THR A 3 6.95 -10.49 -40.59
N PRO A 4 5.63 -10.25 -40.58
CA PRO A 4 5.13 -8.95 -40.24
C PRO A 4 5.21 -8.60 -38.78
N LYS A 5 5.14 -7.29 -38.53
CA LYS A 5 5.21 -6.72 -37.20
C LYS A 5 4.11 -7.42 -36.35
N GLU A 6 4.52 -7.94 -35.20
CA GLU A 6 3.58 -8.54 -34.24
C GLU A 6 3.22 -7.48 -33.16
N GLU A 7 2.06 -6.82 -33.30
CA GLU A 7 1.74 -5.70 -32.40
C GLU A 7 1.52 -6.21 -30.96
N PHE A 8 1.95 -5.42 -29.96
CA PHE A 8 1.72 -5.68 -28.52
C PHE A 8 0.27 -5.98 -28.30
N GLN A 9 -0.07 -7.12 -27.67
CA GLN A 9 -1.49 -7.29 -27.35
C GLN A 9 -1.73 -7.09 -25.84
N ASP A 10 -2.55 -6.08 -25.67
CA ASP A 10 -2.93 -5.62 -24.36
CA ASP A 10 -2.90 -5.59 -24.40
C ASP A 10 -4.19 -6.35 -24.02
N TRP A 11 -4.08 -7.67 -24.00
CA TRP A 11 -5.20 -8.52 -23.53
C TRP A 11 -5.68 -8.08 -22.13
N PRO A 12 -6.92 -8.40 -21.80
CA PRO A 12 -7.38 -8.15 -20.49
C PRO A 12 -6.55 -8.77 -19.38
N ILE A 13 -6.07 -9.98 -19.55
CA ILE A 13 -5.19 -10.55 -18.48
C ILE A 13 -3.95 -9.70 -18.21
N VAL A 14 -3.38 -9.09 -19.25
CA VAL A 14 -2.25 -8.20 -19.09
C VAL A 14 -2.66 -6.95 -18.32
N ARG A 15 -3.79 -6.37 -18.65
CA ARG A 15 -4.23 -5.19 -17.93
C ARG A 15 -4.51 -5.47 -16.47
N ILE A 16 -5.04 -6.67 -16.18
CA ILE A 16 -5.26 -7.10 -14.81
C ILE A 16 -3.93 -7.20 -14.07
N ALA A 17 -2.97 -7.87 -14.68
CA ALA A 17 -1.70 -8.12 -14.04
C ALA A 17 -0.95 -6.79 -13.74
N ALA A 18 -1.21 -5.71 -14.47
CA ALA A 18 -0.68 -4.40 -14.05
C ALA A 18 -0.98 -4.00 -12.63
N HIS A 19 -2.09 -4.51 -12.08
CA HIS A 19 -2.53 -4.16 -10.75
C HIS A 19 -1.96 -5.04 -9.66
N LEU A 20 -1.09 -5.99 -10.01
CA LEU A 20 -0.56 -6.99 -9.09
C LEU A 20 0.95 -7.18 -9.24
N PRO A 21 1.62 -7.58 -8.15
CA PRO A 21 3.06 -7.90 -8.15
C PRO A 21 3.28 -9.29 -8.73
N ASP A 22 4.48 -9.58 -9.22
CA ASP A 22 4.91 -10.91 -9.65
C ASP A 22 4.72 -11.94 -8.53
N LEU A 23 4.79 -11.51 -7.29
CA LEU A 23 4.59 -12.42 -6.18
C LEU A 23 3.23 -13.13 -6.33
N ILE A 24 2.19 -12.41 -6.78
CA ILE A 24 0.87 -13.02 -7.05
C ILE A 24 0.72 -13.50 -8.48
N VAL A 25 1.13 -12.69 -9.45
CA VAL A 25 0.92 -13.08 -10.88
C VAL A 25 1.50 -14.47 -11.20
N TYR A 26 2.72 -14.71 -10.74
CA TYR A 26 3.40 -15.97 -11.06
C TYR A 26 3.42 -16.89 -9.85
N GLY A 27 2.64 -16.59 -8.82
CA GLY A 27 2.64 -17.36 -7.61
C GLY A 27 1.96 -18.70 -7.71
N HIS A 28 0.90 -18.85 -8.48
CA HIS A 28 0.31 -20.20 -8.56
C HIS A 28 0.20 -20.96 -7.21
N PHE A 29 -0.38 -20.38 -6.19
CA PHE A 29 -0.58 -21.16 -4.96
C PHE A 29 -2.05 -21.51 -4.77
N SER A 30 -2.23 -22.37 -3.79
CA SER A 30 -3.52 -22.91 -3.39
C SER A 30 -4.67 -21.86 -3.29
N PRO A 31 -5.90 -22.23 -3.67
CA PRO A 31 -6.98 -21.29 -3.46
C PRO A 31 -7.53 -21.34 -2.01
N GLU A 32 -7.14 -22.33 -1.21
CA GLU A 32 -7.47 -22.34 0.21
C GLU A 32 -7.13 -20.98 0.98
N ARG A 33 -7.99 -20.62 1.94
CA ARG A 33 -7.85 -19.37 2.69
C ARG A 33 -8.01 -19.65 4.17
N PRO A 34 -7.11 -19.16 5.01
CA PRO A 34 -5.92 -18.35 4.66
C PRO A 34 -4.83 -19.24 4.01
N PHE A 35 -3.90 -18.66 3.27
CA PHE A 35 -2.76 -19.38 2.73
C PHE A 35 -1.56 -18.56 3.18
N MET A 36 -0.52 -19.23 3.64
CA MET A 36 0.70 -18.55 4.09
C MET A 36 1.93 -19.13 3.42
N ASP A 37 2.88 -18.29 3.07
CA ASP A 37 4.15 -18.67 2.40
C ASP A 37 5.27 -17.93 3.16
N TYR A 38 6.49 -18.41 3.08
CA TYR A 38 7.62 -17.88 3.84
C TYR A 38 8.82 -17.79 2.90
N PHE A 39 9.59 -16.73 2.96
CA PHE A 39 10.73 -16.58 2.13
C PHE A 39 11.63 -15.52 2.73
N ASP A 40 12.71 -15.17 2.06
CA ASP A 40 13.51 -14.04 2.51
C ASP A 40 13.63 -13.04 1.39
N GLY A 41 13.94 -11.81 1.74
CA GLY A 41 14.11 -10.77 0.77
C GLY A 41 14.54 -9.46 1.38
N VAL A 42 14.69 -8.49 0.50
CA VAL A 42 14.93 -7.12 0.91
C VAL A 42 13.69 -6.32 0.52
N LEU A 43 13.25 -5.46 1.42
CA LEU A 43 12.12 -4.61 1.23
C LEU A 43 12.57 -3.19 1.11
N MET A 44 11.86 -2.43 0.27
CA MET A 44 12.08 -1.01 0.13
C MET A 44 10.77 -0.29 0.30
N PHE A 45 10.69 0.69 1.18
CA PHE A 45 9.46 1.41 1.39
C PHE A 45 9.78 2.87 0.99
N VAL A 46 9.17 3.37 -0.08
CA VAL A 46 9.40 4.71 -0.69
C VAL A 46 8.20 5.61 -0.50
N ASP A 47 8.41 6.72 0.17
CA ASP A 47 7.36 7.71 0.39
C ASP A 47 7.68 9.09 -0.21
N ILE A 48 6.76 9.61 -1.01
CA ILE A 48 6.81 10.96 -1.54
C ILE A 48 6.14 11.89 -0.55
N SER A 49 6.88 12.69 0.17
CA SER A 49 6.19 13.65 1.02
C SER A 49 5.60 14.79 0.21
N GLY A 50 4.43 15.25 0.64
CA GLY A 50 3.84 16.50 0.18
C GLY A 50 2.63 16.38 -0.71
N PHE A 51 2.29 15.18 -1.14
CA PHE A 51 1.15 15.11 -1.99
C PHE A 51 -0.09 15.26 -1.19
N THR A 52 -0.02 14.90 0.09
CA THR A 52 -1.23 15.05 0.90
C THR A 52 -1.68 16.52 0.97
N ALA A 53 -0.73 17.42 1.28
CA ALA A 53 -0.95 18.88 1.16
C ALA A 53 -1.43 19.34 -0.19
N MET A 54 -0.78 18.85 -1.21
CA MET A 54 -1.15 19.22 -2.56
C MET A 54 -2.63 18.90 -2.85
N THR A 55 -3.09 17.75 -2.34
CA THR A 55 -4.42 17.33 -2.56
C THR A 55 -5.35 18.37 -2.13
N GLU A 56 -5.18 18.91 -0.95
CA GLU A 56 -6.05 19.98 -0.45
C GLU A 56 -5.98 21.22 -1.40
N LYS A 57 -4.79 21.57 -1.85
CA LYS A 57 -4.68 22.69 -2.76
C LYS A 57 -5.37 22.44 -4.12
N PHE A 58 -5.40 21.20 -4.61
CA PHE A 58 -6.02 20.90 -5.92
C PHE A 58 -7.54 20.99 -5.92
N SER A 59 -8.19 21.08 -4.76
CA SER A 59 -9.63 21.48 -4.71
C SER A 59 -9.93 22.98 -4.87
N SER A 60 -8.89 23.81 -4.84
CA SER A 60 -9.11 25.24 -4.94
C SER A 60 -9.57 25.65 -6.35
N ALA A 61 -10.19 26.83 -6.37
CA ALA A 61 -10.73 27.41 -7.59
C ALA A 61 -9.68 27.57 -8.71
N MET A 62 -8.40 27.77 -8.37
CA MET A 62 -7.41 28.00 -9.44
C MET A 62 -7.31 26.79 -10.39
N TYR A 63 -7.70 25.60 -9.86
CA TYR A 63 -7.71 24.34 -10.66
C TYR A 63 -8.92 24.11 -11.61
N MET A 64 -9.86 25.06 -11.50
CA MET A 64 -10.97 25.18 -12.42
C MET A 64 -11.62 23.80 -12.59
N ASP A 65 -11.95 23.15 -11.47
CA ASP A 65 -12.58 21.81 -11.51
C ASP A 65 -11.86 20.70 -12.30
N ARG A 66 -10.55 20.83 -12.54
CA ARG A 66 -9.78 19.77 -13.15
C ARG A 66 -8.75 19.40 -12.16
N GLY A 67 -9.07 19.61 -10.90
CA GLY A 67 -8.12 19.26 -9.88
C GLY A 67 -7.70 17.82 -9.83
N ALA A 68 -8.68 16.91 -9.86
CA ALA A 68 -8.37 15.50 -9.88
C ALA A 68 -7.48 15.12 -11.03
N GLU A 69 -7.80 15.67 -12.21
CA GLU A 69 -6.99 15.36 -13.40
C GLU A 69 -5.56 15.86 -13.28
N GLN A 70 -5.41 17.08 -12.81
CA GLN A 70 -4.06 17.62 -12.64
C GLN A 70 -3.28 16.87 -11.60
N LEU A 71 -3.93 16.49 -10.50
CA LEU A 71 -3.25 15.87 -9.38
CA LEU A 71 -3.27 15.85 -9.37
C LEU A 71 -2.71 14.51 -9.79
N VAL A 72 -3.55 13.70 -10.43
CA VAL A 72 -3.14 12.38 -10.84
C VAL A 72 -2.03 12.42 -11.89
N GLU A 73 -2.11 13.41 -12.79
CA GLU A 73 -1.09 13.59 -13.84
C GLU A 73 0.31 13.90 -13.19
N ILE A 74 0.32 14.85 -12.27
CA ILE A 74 1.63 15.25 -11.66
C ILE A 74 2.10 14.19 -10.74
N LEU A 75 1.20 13.53 -10.03
CA LEU A 75 1.59 12.38 -9.20
C LEU A 75 2.18 11.23 -9.98
N ASN A 76 1.47 10.80 -11.03
CA ASN A 76 1.93 9.70 -11.84
C ASN A 76 3.19 9.97 -12.59
N TYR A 77 3.41 11.22 -12.94
CA TYR A 77 4.61 11.56 -13.64
C TYR A 77 5.81 11.28 -12.74
N HIS A 78 5.70 11.63 -11.46
CA HIS A 78 6.77 11.38 -10.50
C HIS A 78 6.83 9.93 -10.10
N ILE A 79 5.71 9.36 -9.67
CA ILE A 79 5.71 8.00 -9.24
C ILE A 79 6.16 7.02 -10.33
N SER A 80 5.74 7.23 -11.57
CA SER A 80 6.15 6.38 -12.71
C SER A 80 7.67 6.29 -12.82
N ALA A 81 8.36 7.40 -12.59
CA ALA A 81 9.80 7.40 -12.69
C ALA A 81 10.44 6.55 -11.60
N ILE A 82 9.89 6.57 -10.40
CA ILE A 82 10.31 5.70 -9.32
C ILE A 82 10.01 4.22 -9.59
N VAL A 83 8.82 3.93 -10.13
CA VAL A 83 8.41 2.61 -10.49
C VAL A 83 9.41 2.09 -11.54
N GLU A 84 9.79 2.90 -12.51
CA GLU A 84 10.71 2.38 -13.49
C GLU A 84 12.05 2.03 -12.89
N LYS A 85 12.57 2.86 -12.01
CA LYS A 85 13.84 2.48 -11.38
C LYS A 85 13.78 1.20 -10.59
N VAL A 86 12.73 1.04 -9.79
CA VAL A 86 12.56 -0.17 -9.01
C VAL A 86 12.55 -1.37 -9.95
N LEU A 87 11.76 -1.31 -11.02
CA LEU A 87 11.67 -2.41 -11.93
C LEU A 87 12.96 -2.73 -12.69
N ILE A 88 13.65 -1.73 -13.15
CA ILE A 88 14.95 -1.91 -13.90
C ILE A 88 16.04 -2.52 -13.00
N PHE A 89 15.93 -2.24 -11.70
CA PHE A 89 16.85 -2.75 -10.69
C PHE A 89 16.39 -4.11 -10.17
N GLY A 90 15.31 -4.62 -10.74
CA GLY A 90 14.88 -5.98 -10.48
C GLY A 90 13.86 -6.17 -9.36
N GLY A 91 13.30 -5.12 -8.80
CA GLY A 91 12.31 -5.30 -7.71
C GLY A 91 10.89 -5.59 -8.21
N ASP A 92 10.06 -6.08 -7.30
CA ASP A 92 8.66 -6.34 -7.54
C ASP A 92 7.90 -5.35 -6.69
N ILE A 93 7.10 -4.46 -7.29
CA ILE A 93 6.32 -3.55 -6.49
C ILE A 93 5.16 -4.33 -5.95
N LEU A 94 5.07 -4.41 -4.63
CA LEU A 94 4.01 -5.19 -3.98
C LEU A 94 2.70 -4.44 -3.89
N LYS A 95 2.76 -3.18 -3.54
CA LYS A 95 1.57 -2.43 -3.21
C LYS A 95 1.84 -0.92 -3.24
N PHE A 96 0.84 -0.11 -3.66
CA PHE A 96 0.83 1.31 -3.50
C PHE A 96 -0.15 1.68 -2.41
N ALA A 97 0.22 2.64 -1.59
CA ALA A 97 -0.71 3.19 -0.53
C ALA A 97 -0.50 4.67 -0.55
N GLY A 98 -1.46 5.38 -1.14
CA GLY A 98 -1.40 6.81 -1.28
C GLY A 98 -0.25 7.30 -2.15
N ASP A 99 0.70 8.05 -1.57
CA ASP A 99 1.86 8.42 -2.39
C ASP A 99 3.11 7.64 -1.99
N ALA A 100 2.90 6.46 -1.42
CA ALA A 100 4.00 5.56 -1.06
C ALA A 100 3.86 4.24 -1.75
N LEU A 101 4.94 3.48 -1.82
CA LEU A 101 4.89 2.14 -2.32
C LEU A 101 5.89 1.28 -1.57
N LEU A 102 5.63 -0.02 -1.63
CA LEU A 102 6.46 -1.05 -1.02
C LEU A 102 6.93 -2.00 -2.11
N ALA A 103 8.25 -2.20 -2.19
CA ALA A 103 8.88 -3.09 -3.19
C ALA A 103 9.69 -4.21 -2.53
N LEU A 104 9.76 -5.35 -3.19
CA LEU A 104 10.41 -6.52 -2.71
C LEU A 104 11.40 -7.09 -3.68
N TRP A 105 12.57 -7.49 -3.13
CA TRP A 105 13.54 -8.31 -3.83
C TRP A 105 13.61 -9.64 -3.12
N ARG A 106 12.99 -10.65 -3.70
CA ARG A 106 12.90 -11.92 -3.00
C ARG A 106 14.07 -12.77 -3.43
N VAL A 107 14.88 -13.20 -2.49
CA VAL A 107 16.00 -14.06 -2.81
C VAL A 107 16.28 -15.05 -1.75
N GLU A 108 17.15 -15.97 -2.10
CA GLU A 108 17.63 -16.92 -1.14
C GLU A 108 18.56 -16.21 -0.21
N ARG A 109 18.66 -16.80 0.95
CA ARG A 109 19.36 -16.25 2.06
C ARG A 109 20.83 -15.87 1.73
N LYS A 110 21.52 -16.71 0.99
CA LYS A 110 22.92 -16.46 0.65
C LYS A 110 23.07 -15.23 -0.23
N GLN A 111 22.00 -14.83 -0.89
CA GLN A 111 22.12 -13.69 -1.80
C GLN A 111 21.66 -12.35 -1.19
N LEU A 112 21.27 -12.30 0.10
CA LEU A 112 20.73 -11.07 0.63
C LEU A 112 21.80 -10.01 0.64
N LYS A 113 23.03 -10.37 0.99
CA LYS A 113 24.04 -9.35 1.11
C LYS A 113 24.25 -8.61 -0.19
N ASN A 114 24.41 -9.33 -1.29
CA ASN A 114 24.66 -8.69 -2.55
C ASN A 114 23.42 -7.90 -3.04
N ILE A 115 22.23 -8.43 -2.81
CA ILE A 115 21.03 -7.77 -3.25
C ILE A 115 20.79 -6.49 -2.49
N ILE A 116 21.13 -6.48 -1.21
CA ILE A 116 21.10 -5.24 -0.46
C ILE A 116 21.91 -4.12 -1.18
N THR A 117 23.10 -4.43 -1.66
CA THR A 117 23.86 -3.42 -2.47
C THR A 117 23.09 -2.83 -3.67
N VAL A 118 22.48 -3.70 -4.42
CA VAL A 118 21.62 -3.38 -5.53
C VAL A 118 20.49 -2.45 -5.11
N VAL A 119 19.79 -2.80 -4.05
CA VAL A 119 18.69 -1.97 -3.58
C VAL A 119 19.17 -0.57 -3.10
N ILE A 120 20.28 -0.55 -2.38
CA ILE A 120 20.83 0.75 -1.94
C ILE A 120 21.12 1.62 -3.14
N LYS A 121 21.69 1.01 -4.18
CA LYS A 121 22.05 1.76 -5.38
C LYS A 121 20.79 2.29 -6.03
N CYS A 122 19.77 1.42 -6.12
CA CYS A 122 18.46 1.81 -6.61
C CYS A 122 17.97 3.03 -5.83
N SER A 123 18.02 2.94 -4.52
CA SER A 123 17.53 3.98 -3.65
C SER A 123 18.20 5.32 -3.84
N LEU A 124 19.51 5.26 -4.05
CA LEU A 124 20.30 6.47 -4.28
C LEU A 124 20.02 7.13 -5.63
N GLU A 125 19.79 6.33 -6.65
CA GLU A 125 19.30 6.84 -7.90
C GLU A 125 17.92 7.45 -7.83
N ILE A 126 17.03 6.86 -7.06
CA ILE A 126 15.70 7.42 -6.80
C ILE A 126 15.82 8.70 -5.96
N HIS A 127 16.49 8.62 -4.82
CA HIS A 127 16.72 9.85 -4.05
C HIS A 127 17.28 10.96 -5.03
N GLY A 128 18.14 10.56 -5.96
CA GLY A 128 18.56 11.38 -7.09
C GLY A 128 17.47 12.14 -7.77
N LEU A 129 16.50 11.46 -8.38
CA LEU A 129 15.57 12.09 -9.28
C LEU A 129 14.90 13.29 -8.66
N PHE A 130 14.72 13.24 -7.35
CA PHE A 130 14.01 14.26 -6.57
C PHE A 130 14.91 14.94 -5.50
N LEU A 139 7.08 21.01 -6.97
CA LEU A 139 8.36 21.53 -6.46
C LEU A 139 8.40 21.59 -4.91
N ASP A 140 7.41 20.99 -4.23
CA ASP A 140 7.35 20.90 -2.74
C ASP A 140 7.57 19.47 -2.17
N ILE A 141 8.18 18.57 -2.95
CA ILE A 141 8.11 17.11 -2.67
C ILE A 141 9.46 16.43 -2.39
N ARG A 142 9.49 15.73 -1.27
CA ARG A 142 10.68 15.02 -0.82
C ARG A 142 10.41 13.52 -0.94
N VAL A 143 11.45 12.73 -1.13
CA VAL A 143 11.37 11.29 -1.13
C VAL A 143 12.05 10.74 0.11
N LYS A 144 11.35 9.94 0.88
CA LYS A 144 11.94 9.24 2.05
C LYS A 144 11.95 7.71 1.77
N ILE A 145 13.04 7.04 2.06
CA ILE A 145 13.15 5.62 1.80
C ILE A 145 13.64 4.88 3.00
N GLY A 146 12.95 3.79 3.33
CA GLY A 146 13.39 2.84 4.35
C GLY A 146 13.64 1.51 3.69
N LEU A 147 14.74 0.86 4.10
CA LEU A 147 15.10 -0.52 3.66
C LEU A 147 15.20 -1.51 4.81
N ALA A 148 14.74 -2.74 4.58
CA ALA A 148 14.89 -3.78 5.57
C ALA A 148 15.22 -5.07 4.84
N ALA A 149 15.70 -6.06 5.60
CA ALA A 149 16.04 -7.34 5.00
C ALA A 149 15.91 -8.44 6.01
N GLY A 150 15.50 -9.62 5.55
CA GLY A 150 15.30 -10.80 6.39
C GLY A 150 14.14 -11.70 5.99
N HIS A 151 13.63 -12.39 6.98
CA HIS A 151 12.57 -13.30 6.82
C HIS A 151 11.28 -12.52 6.53
N ILE A 152 10.49 -13.04 5.62
CA ILE A 152 9.21 -12.44 5.29
C ILE A 152 8.20 -13.54 5.16
N SER A 153 7.01 -13.29 5.61
CA SER A 153 5.88 -14.17 5.33
C SER A 153 4.86 -13.49 4.48
N MET A 154 4.15 -14.25 3.67
CA MET A 154 3.01 -13.71 2.93
C MET A 154 1.73 -14.42 3.36
N LEU A 155 0.65 -13.66 3.50
CA LEU A 155 -0.66 -14.18 3.77
C LEU A 155 -1.58 -13.85 2.61
N VAL A 156 -2.35 -14.83 2.14
CA VAL A 156 -3.45 -14.54 1.23
C VAL A 156 -4.71 -14.92 1.93
N PHE A 157 -5.72 -14.05 1.88
CA PHE A 157 -6.94 -14.26 2.59
C PHE A 157 -8.07 -13.77 1.69
N GLY A 158 -9.27 -14.24 1.97
CA GLY A 158 -10.43 -13.83 1.19
C GLY A 158 -11.47 -14.90 1.11
N ASP A 159 -12.38 -14.74 0.17
CA ASP A 159 -13.50 -15.63 0.03
C ASP A 159 -13.57 -16.14 -1.39
N GLU A 160 -14.73 -16.61 -1.88
CA GLU A 160 -14.73 -17.29 -3.17
C GLU A 160 -14.57 -16.31 -4.29
N THR A 161 -14.88 -15.03 -4.06
CA THR A 161 -14.76 -14.06 -5.12
C THR A 161 -13.76 -12.90 -4.95
N HIS A 162 -13.15 -12.78 -3.78
CA HIS A 162 -12.20 -11.73 -3.48
C HIS A 162 -11.01 -12.28 -2.79
N SER A 163 -9.86 -11.71 -3.11
CA SER A 163 -8.62 -12.14 -2.58
C SER A 163 -7.83 -10.92 -2.16
N HIS A 164 -6.99 -11.05 -1.13
CA HIS A 164 -6.14 -9.98 -0.73
C HIS A 164 -4.87 -10.62 -0.29
N PHE A 165 -3.74 -9.94 -0.34
CA PHE A 165 -2.54 -10.47 0.28
C PHE A 165 -1.89 -9.41 1.13
N LEU A 166 -1.00 -9.84 2.04
CA LEU A 166 -0.20 -8.94 2.81
C LEU A 166 1.07 -9.60 3.12
N VAL A 167 2.10 -8.79 3.41
CA VAL A 167 3.37 -9.38 3.97
C VAL A 167 3.51 -9.04 5.47
N ILE A 168 4.18 -9.94 6.17
CA ILE A 168 4.24 -9.92 7.63
C ILE A 168 5.64 -10.27 8.08
N GLY A 169 5.99 -9.78 9.27
CA GLY A 169 7.19 -10.17 9.97
C GLY A 169 8.08 -8.99 10.35
N GLN A 170 9.22 -9.29 10.94
CA GLN A 170 10.05 -8.27 11.54
C GLN A 170 10.57 -7.32 10.46
N ALA A 171 10.98 -7.88 9.34
CA ALA A 171 11.46 -7.05 8.21
C ALA A 171 10.37 -6.10 7.71
N VAL A 172 9.14 -6.57 7.68
CA VAL A 172 8.04 -5.67 7.30
C VAL A 172 7.88 -4.57 8.35
N ASP A 173 7.87 -4.90 9.64
CA ASP A 173 7.77 -3.82 10.72
C ASP A 173 8.96 -2.86 10.60
N ASP A 174 10.13 -3.41 10.34
CA ASP A 174 11.37 -2.66 10.31
C ASP A 174 11.34 -1.67 9.15
N VAL A 175 10.84 -2.09 7.98
CA VAL A 175 10.92 -1.19 6.82
C VAL A 175 10.02 0.05 7.04
N ARG A 176 8.93 -0.14 7.74
CA ARG A 176 8.04 0.97 8.03
C ARG A 176 8.66 1.86 9.13
N LEU A 177 9.26 1.27 10.16
CA LEU A 177 10.00 2.06 11.19
C LEU A 177 11.12 2.88 10.55
N ALA A 178 11.90 2.23 9.67
CA ALA A 178 13.00 2.89 9.00
C ALA A 178 12.48 4.09 8.26
N GLN A 179 11.41 3.89 7.48
CA GLN A 179 10.84 4.99 6.72
C GLN A 179 10.25 6.18 7.59
N ASN A 180 9.57 5.90 8.70
CA ASN A 180 9.19 6.97 9.65
C ASN A 180 10.32 7.82 10.24
N MET A 181 11.52 7.24 10.38
CA MET A 181 12.69 8.00 10.80
C MET A 181 13.30 8.81 9.68
N ALA A 182 13.09 8.47 8.42
CA ALA A 182 13.85 9.16 7.39
C ALA A 182 13.49 10.64 7.46
N GLN A 183 14.50 11.50 7.56
CA GLN A 183 14.31 12.90 7.32
C GLN A 183 14.10 13.01 5.84
N MET A 184 13.48 14.09 5.42
CA MET A 184 13.39 14.38 4.03
C MET A 184 14.68 13.94 3.35
N ASN A 185 14.54 13.08 2.37
CA ASN A 185 15.61 12.69 1.45
C ASN A 185 16.59 11.63 1.91
N ASP A 186 16.43 11.14 3.13
CA ASP A 186 17.28 10.08 3.64
C ASP A 186 16.91 8.69 3.05
N VAL A 187 17.90 7.80 3.09
CA VAL A 187 17.72 6.38 2.91
C VAL A 187 18.19 5.76 4.22
N ILE A 188 17.32 5.05 4.92
CA ILE A 188 17.57 4.45 6.22
C ILE A 188 17.55 2.91 6.14
N LEU A 189 18.57 2.25 6.70
CA LEU A 189 18.62 0.80 6.78
C LEU A 189 18.12 0.35 8.15
N SER A 190 17.30 -0.69 8.19
CA SER A 190 16.95 -1.37 9.43
C SER A 190 18.22 -1.92 10.10
N PRO A 191 18.14 -2.17 11.43
CA PRO A 191 19.30 -2.79 12.08
C PRO A 191 19.74 -4.12 11.39
N ASN A 192 18.79 -4.96 11.03
CA ASN A 192 19.15 -6.22 10.46
C ASN A 192 19.74 -6.01 9.07
N CYS A 193 19.16 -5.09 8.31
CA CYS A 193 19.73 -4.75 7.01
C CYS A 193 21.18 -4.34 7.14
N TRP A 194 21.49 -3.48 8.11
CA TRP A 194 22.85 -3.00 8.27
C TRP A 194 23.77 -4.19 8.62
N GLN A 195 23.24 -5.08 9.42
CA GLN A 195 23.95 -6.23 9.88
C GLN A 195 24.24 -7.26 8.80
N LEU A 196 23.41 -7.32 7.77
CA LEU A 196 23.62 -8.28 6.70
C LEU A 196 24.33 -7.66 5.53
N CYS A 197 24.43 -6.34 5.47
CA CYS A 197 24.90 -5.74 4.22
C CYS A 197 26.43 -5.83 4.06
N ASP A 198 26.94 -5.39 2.91
CA ASP A 198 28.37 -5.44 2.65
C ASP A 198 28.94 -4.14 3.20
N ARG A 199 29.26 -4.16 4.48
CA ARG A 199 29.70 -2.95 5.20
C ARG A 199 30.98 -2.34 4.67
N SER A 200 31.74 -3.07 3.88
CA SER A 200 33.04 -2.55 3.39
C SER A 200 32.83 -1.61 2.21
N MET A 201 31.60 -1.55 1.74
CA MET A 201 31.17 -0.74 0.62
C MET A 201 30.19 0.36 0.96
N ILE A 202 29.48 0.18 2.06
CA ILE A 202 28.42 1.10 2.42
C ILE A 202 28.80 1.93 3.65
N GLU A 203 28.82 3.24 3.42
CA GLU A 203 29.28 4.25 4.33
C GLU A 203 28.01 4.89 4.88
N ILE A 204 27.88 4.80 6.20
CA ILE A 204 26.69 5.21 6.95
C ILE A 204 26.98 6.28 7.99
N GLU A 205 25.94 6.95 8.52
CA GLU A 205 26.01 7.64 9.86
C GLU A 205 24.94 7.14 10.80
N SER A 206 25.21 7.17 12.11
CA SER A 206 24.32 6.56 13.07
C SER A 206 23.10 7.46 13.16
N VAL A 207 22.04 6.95 13.76
CA VAL A 207 20.84 7.76 13.91
C VAL A 207 20.61 7.75 15.42
N PRO A 208 20.35 8.96 15.97
CA PRO A 208 20.20 9.15 17.41
C PRO A 208 19.01 8.38 17.99
N ASP A 209 19.27 7.76 19.15
CA ASP A 209 18.37 6.85 19.87
C ASP A 209 18.01 5.62 19.05
N GLN A 210 18.74 5.37 17.97
CA GLN A 210 18.35 4.36 17.02
C GLN A 210 19.51 3.52 16.62
N ARG A 211 19.23 2.24 16.46
CA ARG A 211 20.15 1.28 15.87
C ARG A 211 20.09 1.32 14.33
N ALA A 212 18.97 1.75 13.75
CA ALA A 212 18.90 1.93 12.29
C ALA A 212 19.93 2.95 11.86
N VAL A 213 20.35 2.93 10.60
CA VAL A 213 21.40 3.83 10.17
C VAL A 213 21.05 4.51 8.88
N LYS A 214 21.72 5.60 8.61
CA LYS A 214 21.49 6.39 7.44
C LYS A 214 22.59 6.16 6.41
N VAL A 215 22.20 5.92 5.16
CA VAL A 215 23.20 5.80 4.11
C VAL A 215 23.81 7.14 3.71
N ASN A 216 25.13 7.30 3.77
CA ASN A 216 25.70 8.49 3.17
C ASN A 216 26.08 8.25 1.71
N PHE A 217 26.80 7.17 1.45
CA PHE A 217 27.15 6.82 0.07
C PHE A 217 27.76 5.43 -0.05
N LEU A 218 27.86 5.00 -1.31
CA LEU A 218 28.61 3.86 -1.75
C LEU A 218 30.07 4.18 -1.96
N LYS A 219 30.91 3.27 -1.50
CA LYS A 219 32.33 3.38 -1.47
C LYS A 219 32.84 2.10 -2.15
N PRO A 220 32.67 1.99 -3.48
CA PRO A 220 33.06 0.74 -4.10
C PRO A 220 34.51 0.53 -4.01
N PRO A 221 34.96 -0.74 -3.92
CA PRO A 221 36.36 -1.03 -3.96
C PRO A 221 36.94 -0.94 -5.39
N PRO A 222 38.25 -0.98 -5.51
CA PRO A 222 38.93 -0.81 -6.74
C PRO A 222 38.46 -1.52 -7.98
N ASN A 223 38.24 -2.81 -7.95
CA ASN A 223 37.96 -3.32 -9.27
C ASN A 223 36.48 -3.51 -9.53
N PHE A 224 35.65 -3.06 -8.56
CA PHE A 224 34.17 -3.19 -8.60
C PHE A 224 33.52 -2.45 -9.76
N ASN A 225 32.70 -3.17 -10.55
CA ASN A 225 31.95 -2.61 -11.69
C ASN A 225 30.45 -2.91 -11.44
N PHE A 226 29.62 -1.88 -11.33
CA PHE A 226 28.28 -2.16 -10.88
C PHE A 226 27.51 -2.99 -11.93
N ASP A 227 27.71 -2.75 -13.24
CA ASP A 227 26.96 -3.49 -14.25
C ASP A 227 27.27 -4.95 -14.20
N GLU A 228 28.54 -5.30 -14.05
CA GLU A 228 28.90 -6.68 -13.97
C GLU A 228 28.35 -7.30 -12.70
N PHE A 229 28.40 -6.57 -11.59
CA PHE A 229 27.88 -7.04 -10.32
C PHE A 229 26.36 -7.27 -10.49
N PHE A 230 25.68 -6.30 -11.03
CA PHE A 230 24.21 -6.41 -11.25
C PHE A 230 23.87 -7.62 -12.10
N THR A 231 24.63 -7.81 -13.18
CA THR A 231 24.39 -8.97 -14.01
C THR A 231 24.51 -10.28 -13.23
N LYS A 232 25.50 -10.42 -12.37
CA LYS A 232 25.61 -11.63 -11.54
C LYS A 232 24.40 -11.78 -10.70
N CYS A 233 23.96 -10.69 -10.09
CA CYS A 233 22.75 -10.71 -9.30
C CYS A 233 21.47 -11.17 -10.04
N THR A 234 21.37 -10.90 -11.37
CA THR A 234 20.16 -11.25 -12.20
C THR A 234 20.00 -12.76 -12.31
N THR A 235 21.07 -13.51 -12.10
CA THR A 235 20.97 -14.99 -11.95
C THR A 235 19.98 -15.45 -10.94
N PHE A 236 19.78 -14.63 -9.94
CA PHE A 236 18.93 -14.99 -8.93
C PHE A 236 17.61 -14.36 -9.11
N MET A 237 17.35 -13.64 -10.17
CA MET A 237 16.07 -12.95 -10.29
C MET A 237 15.21 -13.72 -11.30
N HIS A 238 14.18 -14.41 -10.80
CA HIS A 238 13.39 -15.35 -11.62
C HIS A 238 12.74 -14.64 -12.81
N TYR A 239 12.29 -13.40 -12.63
CA TYR A 239 11.43 -12.81 -13.63
C TYR A 239 12.04 -11.61 -14.32
N TYR A 240 13.36 -11.38 -14.14
CA TYR A 240 13.99 -10.28 -14.83
C TYR A 240 13.86 -10.36 -16.36
N PRO A 241 13.27 -9.32 -17.02
CA PRO A 241 13.09 -9.40 -18.47
C PRO A 241 14.43 -9.53 -19.15
N SER A 242 14.53 -10.50 -20.07
CA SER A 242 15.81 -10.80 -20.67
C SER A 242 15.66 -11.29 -22.08
N GLY A 243 16.78 -11.34 -22.80
CA GLY A 243 16.81 -11.85 -24.20
C GLY A 243 15.87 -11.08 -25.08
N GLU A 244 14.95 -11.77 -25.68
CA GLU A 244 14.03 -11.16 -26.56
C GLU A 244 13.16 -10.13 -25.83
N HIS A 245 12.96 -10.31 -24.52
CA HIS A 245 12.09 -9.39 -23.76
C HIS A 245 12.85 -8.41 -22.90
N LYS A 246 14.13 -8.22 -23.17
CA LYS A 246 14.93 -7.23 -22.45
C LYS A 246 14.56 -5.72 -22.59
N ASN A 247 13.72 -5.42 -23.55
CA ASN A 247 13.19 -4.09 -23.81
C ASN A 247 11.90 -3.79 -22.99
N LEU A 248 11.36 -4.78 -22.27
CA LEU A 248 10.15 -4.66 -21.42
C LEU A 248 10.48 -4.41 -19.95
N LEU A 249 9.60 -3.66 -19.30
CA LEU A 249 9.75 -3.37 -17.87
C LEU A 249 9.35 -4.54 -16.97
N ARG A 250 8.37 -5.33 -17.44
CA ARG A 250 7.88 -6.53 -16.73
C ARG A 250 7.64 -7.68 -17.67
N LEU A 251 7.98 -8.88 -17.21
CA LEU A 251 7.65 -10.12 -17.86
C LEU A 251 6.11 -10.22 -17.96
N ALA A 252 5.41 -9.71 -16.96
CA ALA A 252 3.92 -9.74 -16.97
C ALA A 252 3.31 -9.09 -18.21
N CME A 253 4.06 -8.23 -18.89
CA CME A 253 3.58 -7.63 -20.12
CB CME A 253 4.45 -6.49 -20.67
SG CME A 253 4.73 -5.13 -19.58
SD CME A 253 2.72 -4.69 -19.19
CE CME A 253 2.63 -5.27 -17.47
CZ CME A 253 1.39 -6.01 -17.14
OH CME A 253 0.58 -4.87 -17.39
C CME A 253 3.44 -8.68 -21.17
O CME A 253 2.77 -8.39 -22.15
N THR A 254 4.03 -9.86 -21.01
CA THR A 254 3.91 -10.92 -21.99
C THR A 254 2.91 -11.98 -21.63
N LEU A 255 2.18 -11.86 -20.51
CA LEU A 255 1.26 -12.87 -20.11
C LEU A 255 0.21 -13.12 -21.20
N LYS A 256 -0.15 -14.37 -21.32
CA LYS A 256 -1.05 -14.78 -22.41
C LYS A 256 -2.39 -15.16 -21.81
N PRO A 257 -3.46 -15.00 -22.57
CA PRO A 257 -4.76 -15.38 -22.06
C PRO A 257 -4.78 -16.78 -21.51
N ASP A 258 -5.37 -16.92 -20.34
CA ASP A 258 -5.49 -18.15 -19.65
C ASP A 258 -6.65 -18.00 -18.70
N PRO A 259 -7.81 -18.56 -19.02
CA PRO A 259 -8.99 -18.27 -18.19
C PRO A 259 -8.87 -18.65 -16.71
N GLU A 260 -8.24 -19.77 -16.37
CA GLU A 260 -7.94 -20.15 -14.98
C GLU A 260 -7.15 -19.15 -14.19
N LEU A 261 -6.07 -18.71 -14.79
CA LEU A 261 -5.23 -17.70 -14.23
C LEU A 261 -5.99 -16.38 -14.09
N GLU A 262 -6.74 -15.98 -15.10
CA GLU A 262 -7.42 -14.69 -15.03
C GLU A 262 -8.50 -14.75 -13.98
N MET A 263 -9.24 -15.83 -13.91
CA MET A 263 -10.22 -15.96 -12.82
C MET A 263 -9.57 -15.75 -11.42
N SER A 264 -8.39 -16.29 -11.23
CA SER A 264 -7.66 -16.20 -9.99
CA SER A 264 -7.68 -16.18 -9.98
C SER A 264 -7.19 -14.76 -9.74
N LEU A 265 -6.61 -14.13 -10.77
CA LEU A 265 -6.09 -12.78 -10.63
C LEU A 265 -7.14 -11.71 -10.46
N GLN A 266 -8.26 -11.85 -11.16
CA GLN A 266 -9.26 -10.78 -11.10
C GLN A 266 -9.83 -10.58 -9.69
N LYS A 267 -9.76 -11.61 -8.85
CA LYS A 267 -10.36 -11.57 -7.53
C LYS A 267 -9.66 -10.53 -6.64
N TYR A 268 -8.44 -10.12 -7.01
CA TYR A 268 -7.73 -9.08 -6.33
C TYR A 268 -8.10 -7.70 -6.72
N VAL A 269 -8.82 -7.53 -7.79
CA VAL A 269 -9.06 -6.21 -8.35
C VAL A 269 -10.51 -5.83 -8.15
N MET A 270 -10.77 -4.56 -7.86
CA MET A 270 -12.18 -4.17 -7.57
CA MET A 270 -12.15 -4.05 -7.58
C MET A 270 -13.03 -4.09 -8.83
N GLU A 271 -14.32 -4.28 -8.68
CA GLU A 271 -15.23 -4.43 -9.80
C GLU A 271 -15.19 -3.19 -10.76
N SER A 272 -15.13 -2.00 -10.22
CA SER A 272 -15.09 -0.81 -11.07
C SER A 272 -13.83 -0.69 -11.86
N ILE A 273 -12.74 -1.28 -11.39
CA ILE A 273 -11.51 -1.26 -12.21
C ILE A 273 -11.62 -2.29 -13.36
N LEU A 274 -12.21 -3.45 -13.05
CA LEU A 274 -12.45 -4.50 -14.06
C LEU A 274 -13.39 -3.95 -15.15
N LYS A 275 -14.36 -3.15 -14.74
CA LYS A 275 -15.23 -2.46 -15.72
C LYS A 275 -14.44 -1.61 -16.71
N GLN A 276 -13.51 -0.85 -16.18
CA GLN A 276 -12.66 -0.04 -17.04
C GLN A 276 -11.72 -0.84 -17.92
N ILE A 277 -11.10 -1.83 -17.33
CA ILE A 277 -10.29 -2.80 -18.10
C ILE A 277 -11.05 -3.42 -19.22
N ASP A 278 -12.32 -3.73 -18.99
CA ASP A 278 -13.14 -4.34 -19.99
C ASP A 278 -13.81 -3.31 -21.00
N ASN A 279 -13.37 -2.06 -20.93
CA ASN A 279 -13.83 -0.96 -21.83
C ASN A 279 -15.32 -0.82 -21.74
N LYS A 280 -15.82 -0.97 -20.55
CA LYS A 280 -17.23 -0.73 -20.27
C LYS A 280 -17.47 0.59 -19.53
N GLN A 281 -16.44 1.42 -19.35
CA GLN A 281 -16.60 2.67 -18.67
C GLN A 281 -15.40 3.51 -19.15
N LEU A 282 -15.57 4.80 -19.27
CA LEU A 282 -14.46 5.70 -19.66
C LEU A 282 -13.43 5.78 -18.55
N GLN A 283 -12.15 5.86 -18.90
CA GLN A 283 -11.06 5.99 -17.93
C GLN A 283 -11.15 7.20 -17.00
N GLY A 284 -11.60 8.32 -17.53
CA GLY A 284 -11.65 9.54 -16.76
C GLY A 284 -12.38 9.36 -15.46
N TYR A 285 -13.35 8.44 -15.49
CA TYR A 285 -14.31 8.24 -14.42
C TYR A 285 -13.65 7.94 -13.09
N LEU A 286 -12.58 7.18 -13.03
CA LEU A 286 -12.02 6.81 -11.75
C LEU A 286 -11.07 7.79 -11.09
N SER A 287 -10.69 8.88 -11.75
CA SER A 287 -9.85 9.92 -11.11
C SER A 287 -10.77 10.95 -10.62
N GLU A 288 -10.90 11.04 -9.29
CA GLU A 288 -11.88 12.00 -8.72
C GLU A 288 -11.39 12.59 -7.44
N LEU A 289 -11.88 13.77 -7.13
CA LEU A 289 -11.71 14.33 -5.83
C LEU A 289 -13.13 14.31 -5.32
N ARG A 290 -13.47 13.42 -4.42
CA ARG A 290 -14.88 13.26 -3.97
C ARG A 290 -14.99 13.14 -2.44
N PRO A 291 -16.16 13.52 -1.91
CA PRO A 291 -16.30 13.51 -0.47
C PRO A 291 -16.54 12.06 -0.14
N VAL A 292 -15.73 11.52 0.77
CA VAL A 292 -16.01 10.14 1.18
C VAL A 292 -15.90 10.04 2.70
N THR A 293 -16.19 8.88 3.25
CA THR A 293 -15.84 8.59 4.66
C THR A 293 -14.80 7.45 4.69
N ILE A 294 -13.68 7.65 5.38
CA ILE A 294 -12.67 6.63 5.63
C ILE A 294 -12.99 6.00 6.95
N VAL A 295 -12.96 4.66 6.97
CA VAL A 295 -13.08 3.86 8.16
C VAL A 295 -11.81 3.02 8.23
N PHE A 296 -10.94 3.36 9.14
CA PHE A 296 -9.59 2.78 9.20
C PHE A 296 -9.59 1.86 10.42
N VAL A 297 -9.58 0.56 10.14
CA VAL A 297 -9.69 -0.46 11.16
C VAL A 297 -8.36 -1.11 11.49
N ASN A 298 -7.98 -1.14 12.74
CA ASN A 298 -6.74 -1.76 13.19
C ASN A 298 -7.00 -2.91 14.16
N LEU A 299 -6.41 -4.06 13.83
CA LEU A 299 -6.41 -5.25 14.64
C LEU A 299 -4.99 -5.47 15.25
N MET A 300 -4.91 -5.39 16.58
CA MET A 300 -3.62 -5.69 17.26
C MET A 300 -3.58 -7.11 17.80
N PHE A 301 -2.45 -7.79 17.59
CA PHE A 301 -2.31 -9.17 18.05
C PHE A 301 -1.20 -9.27 19.10
N GLU A 302 -1.22 -10.38 19.83
CA GLU A 302 -0.13 -10.70 20.78
C GLU A 302 1.23 -10.58 20.04
N ASP A 303 1.37 -11.28 18.89
CA ASP A 303 2.64 -11.28 18.11
C ASP A 303 2.38 -11.04 16.62
N GLN A 304 2.58 -9.80 16.19
CA GLN A 304 2.20 -9.43 14.81
C GLN A 304 3.21 -9.92 13.74
N ASP A 305 4.24 -10.69 14.15
CA ASP A 305 5.23 -11.27 13.22
C ASP A 305 5.05 -12.75 12.89
N LYS A 306 4.07 -13.40 13.53
CA LYS A 306 3.87 -14.85 13.49
C LYS A 306 2.68 -15.17 12.64
N ALA A 307 2.90 -15.28 11.32
CA ALA A 307 1.79 -15.48 10.40
C ALA A 307 0.82 -16.61 10.73
N GLU A 308 1.31 -17.74 11.27
CA GLU A 308 0.38 -18.85 11.45
C GLU A 308 -0.52 -18.62 12.67
N GLU A 309 -0.11 -17.75 13.59
CA GLU A 309 -0.95 -17.28 14.72
C GLU A 309 -1.99 -16.29 14.11
N ILE A 310 -1.50 -15.27 13.40
CA ILE A 310 -2.38 -14.20 13.03
C ILE A 310 -3.21 -14.42 11.78
N GLY A 311 -2.80 -15.34 10.90
CA GLY A 311 -3.46 -15.54 9.60
C GLY A 311 -4.93 -15.95 9.72
N PRO A 312 -5.23 -16.99 10.52
CA PRO A 312 -6.62 -17.39 10.74
C PRO A 312 -7.53 -16.25 11.23
N ALA A 313 -6.97 -15.43 12.11
CA ALA A 313 -7.72 -14.35 12.70
C ALA A 313 -8.02 -13.24 11.70
N ILE A 314 -7.06 -12.92 10.83
CA ILE A 314 -7.25 -11.93 9.80
C ILE A 314 -8.31 -12.42 8.87
N GLN A 315 -8.29 -13.69 8.53
CA GLN A 315 -9.32 -14.26 7.64
C GLN A 315 -10.70 -14.19 8.28
N ASP A 316 -10.75 -14.54 9.56
CA ASP A 316 -11.99 -14.48 10.30
C ASP A 316 -12.58 -13.09 10.29
N ALA A 317 -11.72 -12.12 10.56
CA ALA A 317 -12.11 -10.74 10.61
C ALA A 317 -12.52 -10.26 9.24
N TYR A 318 -11.75 -10.62 8.20
CA TYR A 318 -12.10 -10.29 6.87
C TYR A 318 -13.50 -10.86 6.52
N MET A 319 -13.80 -12.11 6.85
CA MET A 319 -15.12 -12.61 6.48
C MET A 319 -16.24 -11.73 7.06
N HIS A 320 -16.10 -11.29 8.29
CA HIS A 320 -17.14 -10.44 8.85
C HIS A 320 -17.12 -9.03 8.31
N ILE A 321 -15.91 -8.46 8.18
CA ILE A 321 -15.75 -7.11 7.63
C ILE A 321 -16.40 -7.00 6.28
N THR A 322 -16.14 -7.99 5.44
CA THR A 322 -16.67 -7.86 4.09
C THR A 322 -18.19 -7.94 4.08
N SER A 323 -18.80 -8.77 4.91
CA SER A 323 -20.28 -8.89 4.88
C SER A 323 -21.00 -7.65 5.44
N VAL A 324 -20.40 -7.04 6.43
CA VAL A 324 -20.89 -5.80 7.01
C VAL A 324 -20.74 -4.57 6.05
N LEU A 325 -19.59 -4.46 5.43
CA LEU A 325 -19.32 -3.46 4.41
C LEU A 325 -20.35 -3.61 3.26
N LYS A 326 -20.67 -4.85 2.91
CA LYS A 326 -21.63 -5.08 1.82
C LYS A 326 -22.97 -4.49 2.21
N ILE A 327 -23.41 -4.76 3.44
CA ILE A 327 -24.65 -4.17 3.96
C ILE A 327 -24.70 -2.65 4.11
N PHE A 328 -23.62 -2.05 4.64
CA PHE A 328 -23.56 -0.60 4.89
C PHE A 328 -22.96 0.14 3.65
N GLN A 329 -22.69 -0.61 2.57
CA GLN A 329 -22.15 -0.05 1.30
C GLN A 329 -20.77 0.61 1.36
N GLY A 330 -19.78 -0.13 1.88
CA GLY A 330 -18.41 0.30 1.91
C GLY A 330 -17.58 -0.71 1.17
N GLN A 331 -16.29 -0.46 1.08
CA GLN A 331 -15.34 -1.29 0.36
C GLN A 331 -14.01 -1.25 1.05
N ILE A 332 -13.31 -2.36 1.00
CA ILE A 332 -11.94 -2.42 1.47
C ILE A 332 -11.08 -1.83 0.37
N ASN A 333 -10.35 -0.75 0.59
CA ASN A 333 -9.44 -0.27 -0.40
C ASN A 333 -8.09 -0.99 -0.29
N LYS A 334 -7.61 -1.25 0.89
CA LYS A 334 -6.24 -1.71 1.08
C LYS A 334 -6.09 -2.35 2.45
N VAL A 335 -5.20 -3.32 2.58
CA VAL A 335 -4.91 -3.91 3.83
C VAL A 335 -3.42 -3.98 3.94
N PHE A 336 -2.91 -3.74 5.12
CA PHE A 336 -1.50 -3.84 5.38
C PHE A 336 -1.21 -3.87 6.85
N MET A 337 -0.03 -4.39 7.17
CA MET A 337 0.50 -4.31 8.49
C MET A 337 0.98 -2.87 8.75
N PHE A 338 0.58 -2.28 9.90
CA PHE A 338 0.64 -0.81 10.21
C PHE A 338 0.12 -0.66 11.65
N ASP A 339 0.75 0.17 12.47
CA ASP A 339 0.23 0.44 13.85
C ASP A 339 0.19 -0.88 14.67
N LYS A 340 1.34 -1.55 14.76
CA LYS A 340 1.47 -2.71 15.64
C LYS A 340 0.44 -3.85 15.31
N GLY A 341 -0.16 -3.82 14.11
CA GLY A 341 -1.20 -4.75 13.78
C GLY A 341 -1.59 -4.74 12.31
N CYS A 342 -2.72 -5.37 12.01
CA CYS A 342 -3.24 -5.45 10.67
C CYS A 342 -4.33 -4.39 10.49
N SER A 343 -4.15 -3.52 9.49
CA SER A 343 -5.08 -2.43 9.25
C SER A 343 -5.82 -2.61 7.93
N PHE A 344 -7.11 -2.30 7.96
CA PHE A 344 -7.98 -2.29 6.80
C PHE A 344 -8.38 -0.89 6.52
N LEU A 345 -8.05 -0.41 5.34
CA LEU A 345 -8.51 0.94 4.92
C LEU A 345 -9.75 0.80 4.12
N CYS A 346 -10.89 1.19 4.71
CA CYS A 346 -12.17 1.01 4.12
C CYS A 346 -12.75 2.33 3.74
N VAL A 347 -13.56 2.31 2.66
CA VAL A 347 -14.07 3.57 2.13
C VAL A 347 -15.54 3.49 1.85
N PHE A 348 -16.26 4.54 2.28
CA PHE A 348 -17.69 4.71 2.04
C PHE A 348 -17.85 5.89 1.08
N GLY A 349 -18.38 5.59 -0.11
CA GLY A 349 -18.64 6.59 -1.23
C GLY A 349 -17.78 6.45 -2.52
N PHE A 350 -17.15 5.29 -2.80
CA PHE A 350 -16.31 5.00 -4.00
C PHE A 350 -17.14 4.95 -5.29
N PRO A 351 -16.54 4.82 -6.48
CA PRO A 351 -17.43 4.79 -7.68
C PRO A 351 -18.72 3.98 -7.47
N GLY A 352 -19.88 4.57 -7.77
CA GLY A 352 -21.15 3.87 -7.69
C GLY A 352 -21.64 3.40 -6.31
N GLU A 353 -20.93 3.72 -5.22
CA GLU A 353 -21.43 3.43 -3.85
C GLU A 353 -21.83 4.70 -3.05
N LYS A 354 -22.35 5.69 -3.76
CA LYS A 354 -23.01 6.82 -3.11
C LYS A 354 -24.33 6.43 -2.44
N VAL A 355 -24.71 7.18 -1.42
CA VAL A 355 -26.00 7.07 -0.74
C VAL A 355 -26.13 8.36 0.03
N PRO A 356 -27.38 8.75 0.38
CA PRO A 356 -27.42 9.44 1.66
C PRO A 356 -27.40 8.45 2.86
N ASP A 357 -27.14 9.03 4.04
CA ASP A 357 -26.88 8.32 5.30
C ASP A 357 -25.52 7.62 5.33
N GLU A 358 -24.68 7.95 4.36
CA GLU A 358 -23.34 7.44 4.26
C GLU A 358 -22.64 7.55 5.64
N LEU A 359 -22.77 8.70 6.31
CA LEU A 359 -22.02 8.92 7.56
C LEU A 359 -22.53 8.02 8.66
N THR A 360 -23.86 7.92 8.76
CA THR A 360 -24.46 7.08 9.77
C THR A 360 -24.02 5.61 9.55
N HIS A 361 -24.03 5.20 8.31
CA HIS A 361 -23.76 3.83 7.94
C HIS A 361 -22.31 3.49 8.27
N ALA A 362 -21.42 4.42 7.97
CA ALA A 362 -19.99 4.23 8.26
C ALA A 362 -19.80 4.01 9.78
N LEU A 363 -20.58 4.72 10.58
CA LEU A 363 -20.51 4.63 12.01
C LEU A 363 -21.11 3.33 12.55
N GLU A 364 -22.27 2.91 12.03
CA GLU A 364 -22.90 1.65 12.41
C GLU A 364 -22.08 0.48 11.95
N CYS A 365 -21.55 0.56 10.73
CA CYS A 365 -20.59 -0.43 10.25
C CYS A 365 -19.36 -0.53 11.17
N ALA A 366 -18.81 0.61 11.58
CA ALA A 366 -17.61 0.61 12.38
C ALA A 366 -17.91 -0.04 13.72
N MET A 367 -19.05 0.26 14.30
CA MET A 367 -19.38 -0.36 15.60
C MET A 367 -19.52 -1.87 15.49
N ASP A 368 -20.17 -2.29 14.43
CA ASP A 368 -20.39 -3.72 14.19
C ASP A 368 -19.07 -4.46 14.02
N ILE A 369 -18.19 -3.89 13.20
CA ILE A 369 -16.94 -4.47 13.01
C ILE A 369 -16.18 -4.49 14.37
N PHE A 370 -16.21 -3.39 15.14
CA PHE A 370 -15.55 -3.34 16.49
C PHE A 370 -16.03 -4.43 17.44
N ASP A 371 -17.35 -4.62 17.52
CA ASP A 371 -17.91 -5.66 18.42
C ASP A 371 -17.53 -7.05 17.98
N PHE A 372 -17.62 -7.33 16.69
CA PHE A 372 -17.27 -8.66 16.22
C PHE A 372 -15.79 -8.95 16.39
N CYS A 373 -14.93 -8.07 15.90
CA CYS A 373 -13.50 -8.35 15.90
C CYS A 373 -12.90 -8.39 17.30
N SER A 374 -13.51 -7.67 18.23
CA SER A 374 -13.12 -7.67 19.62
C SER A 374 -13.23 -9.06 20.21
N GLN A 375 -14.08 -9.89 19.62
CA GLN A 375 -14.27 -11.24 20.15
C GLN A 375 -13.56 -12.33 19.42
N VAL A 376 -13.00 -12.07 18.26
CA VAL A 376 -12.26 -13.11 17.58
C VAL A 376 -10.94 -13.39 18.30
N HIS A 377 -10.54 -14.65 18.37
CA HIS A 377 -9.68 -15.17 19.43
C HIS A 377 -8.29 -14.57 19.69
N LYS A 378 -7.44 -14.47 18.70
CA LYS A 378 -6.14 -13.88 18.97
C LYS A 378 -6.13 -12.36 18.70
N ILE A 379 -7.28 -11.69 18.61
CA ILE A 379 -7.24 -10.24 18.40
C ILE A 379 -7.19 -9.60 19.78
N GLN A 380 -6.13 -8.89 20.10
CA GLN A 380 -6.02 -8.32 21.42
C GLN A 380 -6.82 -7.01 21.55
N THR A 381 -6.62 -6.08 20.63
CA THR A 381 -7.31 -4.82 20.57
C THR A 381 -7.77 -4.47 19.14
N VAL A 382 -8.96 -3.89 19.08
CA VAL A 382 -9.49 -3.25 17.89
C VAL A 382 -9.58 -1.72 18.08
N SER A 383 -9.13 -0.99 17.07
CA SER A 383 -9.27 0.44 17.04
C SER A 383 -9.79 0.88 15.70
N ILE A 384 -10.72 1.80 15.68
CA ILE A 384 -11.24 2.24 14.41
C ILE A 384 -11.36 3.74 14.36
N GLY A 385 -10.81 4.35 13.33
CA GLY A 385 -10.86 5.82 13.15
C GLY A 385 -11.74 6.15 11.98
N VAL A 386 -12.70 7.06 12.17
CA VAL A 386 -13.62 7.47 11.08
C VAL A 386 -13.51 8.97 10.79
N ALA A 387 -13.25 9.32 9.55
CA ALA A 387 -13.06 10.71 9.14
C ALA A 387 -13.68 10.84 7.75
N SER A 388 -14.25 12.01 7.52
CA SER A 388 -14.95 12.34 6.29
C SER A 388 -14.50 13.66 5.72
N GLY A 389 -14.35 13.63 4.39
CA GLY A 389 -13.89 14.82 3.64
C GLY A 389 -13.61 14.46 2.16
N ILE A 390 -13.06 15.44 1.46
CA ILE A 390 -12.71 15.36 0.07
C ILE A 390 -11.37 14.62 0.00
N VAL A 391 -11.38 13.52 -0.70
CA VAL A 391 -10.14 12.80 -0.89
CA VAL A 391 -10.19 12.69 -0.87
C VAL A 391 -10.00 12.46 -2.37
N PHE A 392 -8.77 12.33 -2.78
CA PHE A 392 -8.44 11.90 -4.11
C PHE A 392 -8.54 10.41 -4.21
N CYS A 393 -9.24 9.93 -5.23
CA CYS A 393 -9.42 8.50 -5.50
C CYS A 393 -8.95 8.32 -6.94
N GLY A 394 -8.06 7.36 -7.19
CA GLY A 394 -7.65 7.09 -8.55
C GLY A 394 -6.52 6.07 -8.71
N ILE A 395 -6.16 5.77 -9.97
CA ILE A 395 -5.08 4.81 -10.29
C ILE A 395 -3.75 5.48 -10.29
N VAL A 396 -2.88 5.00 -9.40
CA VAL A 396 -1.58 5.64 -9.17
C VAL A 396 -0.47 4.65 -9.56
N GLY A 397 0.55 5.13 -10.25
CA GLY A 397 1.70 4.32 -10.60
C GLY A 397 2.05 4.50 -12.05
N HIS A 398 2.56 3.43 -12.64
CA HIS A 398 3.12 3.39 -14.02
C HIS A 398 2.10 2.61 -14.84
N THR A 399 2.03 2.88 -16.12
CA THR A 399 1.25 2.06 -17.05
C THR A 399 1.40 0.57 -16.77
N VAL A 400 2.62 0.05 -16.54
CA VAL A 400 2.79 -1.40 -16.38
C VAL A 400 2.59 -1.88 -14.94
N ARG A 401 2.48 -0.96 -13.99
CA ARG A 401 2.29 -1.33 -12.57
C ARG A 401 1.66 -0.17 -11.80
N HIS A 402 0.40 -0.32 -11.53
CA HIS A 402 -0.37 0.73 -10.93
C HIS A 402 -1.52 0.12 -10.14
N GLU A 403 -2.07 0.90 -9.21
CA GLU A 403 -3.17 0.43 -8.38
C GLU A 403 -4.12 1.59 -8.04
N TYR A 404 -5.35 1.24 -7.75
CA TYR A 404 -6.31 2.22 -7.23
C TYR A 404 -6.05 2.53 -5.78
N THR A 405 -6.02 3.78 -5.43
CA THR A 405 -5.68 4.19 -4.07
C THR A 405 -6.41 5.55 -3.69
N VAL A 406 -6.23 5.99 -2.46
CA VAL A 406 -6.85 7.22 -1.94
C VAL A 406 -5.77 8.03 -1.27
N ILE A 407 -5.81 9.31 -1.48
CA ILE A 407 -4.89 10.19 -0.86
C ILE A 407 -5.71 11.36 -0.30
N GLY A 408 -5.37 11.81 0.91
CA GLY A 408 -6.05 13.00 1.48
C GLY A 408 -5.80 13.15 2.95
N GLN A 409 -5.88 14.37 3.41
CA GLN A 409 -5.68 14.66 4.81
C GLN A 409 -6.64 13.85 5.69
N LYS A 410 -7.87 13.64 5.27
CA LYS A 410 -8.76 12.78 6.06
C LYS A 410 -8.35 11.31 6.13
N VAL A 411 -7.60 10.82 5.13
CA VAL A 411 -7.09 9.47 5.18
C VAL A 411 -6.08 9.36 6.31
N ASN A 412 -5.14 10.29 6.34
CA ASN A 412 -4.16 10.33 7.41
C ASN A 412 -4.80 10.55 8.80
N LEU A 413 -5.85 11.37 8.83
CA LEU A 413 -6.47 11.68 10.13
C LEU A 413 -7.09 10.40 10.72
N ALA A 414 -7.86 9.68 9.93
CA ALA A 414 -8.42 8.41 10.37
C ALA A 414 -7.34 7.44 10.84
N ALA A 415 -6.23 7.32 10.14
CA ALA A 415 -5.13 6.46 10.61
C ALA A 415 -4.55 6.94 11.92
N ARG A 416 -4.36 8.24 12.06
CA ARG A 416 -3.79 8.74 13.32
C ARG A 416 -4.78 8.59 14.47
N MET A 417 -6.06 8.79 14.20
CA MET A 417 -7.07 8.61 15.27
C MET A 417 -7.01 7.19 15.83
N MET A 418 -7.01 6.23 14.93
CA MET A 418 -6.99 4.81 15.24
C MET A 418 -5.75 4.42 16.07
N MET A 419 -4.61 5.07 15.79
CA MET A 419 -3.39 4.85 16.61
C MET A 419 -3.41 5.62 17.94
N TYR A 420 -3.77 6.90 17.97
CA TYR A 420 -3.71 7.65 19.22
C TYR A 420 -4.87 7.38 20.18
N TYR A 421 -5.94 6.76 19.70
CA TYR A 421 -7.08 6.46 20.53
C TYR A 421 -7.39 4.97 20.36
N PRO A 422 -6.54 4.10 20.93
CA PRO A 422 -6.74 2.68 20.73
C PRO A 422 -7.89 2.09 21.51
N GLY A 423 -8.49 1.03 21.00
CA GLY A 423 -9.45 0.25 21.74
C GLY A 423 -10.83 0.84 21.64
N ILE A 424 -11.04 1.89 20.85
CA ILE A 424 -12.38 2.43 20.69
C ILE A 424 -12.62 2.84 19.25
N VAL A 425 -13.87 3.23 18.94
CA VAL A 425 -14.23 3.79 17.67
C VAL A 425 -14.27 5.30 17.83
N THR A 426 -13.51 6.02 17.00
CA THR A 426 -13.50 7.47 17.02
C THR A 426 -13.95 8.06 15.70
N CYS A 427 -14.45 9.29 15.75
CA CYS A 427 -14.83 10.02 14.54
C CYS A 427 -14.50 11.49 14.58
N ASP A 428 -14.37 12.10 13.41
CA ASP A 428 -14.08 13.54 13.36
C ASP A 428 -15.35 14.37 13.39
N SER A 429 -15.22 15.69 13.36
CA SER A 429 -16.46 16.50 13.50
C SER A 429 -17.39 16.50 12.32
N VAL A 430 -16.82 16.46 11.10
CA VAL A 430 -17.62 16.36 9.90
C VAL A 430 -18.53 15.13 10.05
N THR A 431 -17.96 14.01 10.45
CA THR A 431 -18.80 12.82 10.60
C THR A 431 -19.80 12.98 11.74
N TYR A 432 -19.35 13.55 12.85
CA TYR A 432 -20.25 13.68 14.03
C TYR A 432 -21.48 14.52 13.64
N ASN A 433 -21.16 15.67 13.09
CA ASN A 433 -22.14 16.70 12.78
C ASN A 433 -22.98 16.22 11.67
N GLY A 434 -22.38 15.58 10.70
CA GLY A 434 -23.14 15.16 9.56
C GLY A 434 -24.07 14.01 9.85
N SER A 435 -23.82 13.21 10.89
CA SER A 435 -24.56 11.94 11.04
C SER A 435 -25.98 12.26 11.54
N ASN A 436 -26.91 11.38 11.24
CA ASN A 436 -28.32 11.47 11.74
C ASN A 436 -28.50 10.88 13.14
N LEU A 437 -27.40 10.55 13.81
CA LEU A 437 -27.45 9.89 15.11
C LEU A 437 -27.52 10.92 16.26
N PRO A 438 -28.20 10.57 17.35
CA PRO A 438 -28.31 11.49 18.52
C PRO A 438 -26.95 11.80 19.15
N ALA A 439 -26.83 12.99 19.70
CA ALA A 439 -25.57 13.41 20.27
C ALA A 439 -25.06 12.52 21.41
N TYR A 440 -25.96 11.97 22.22
CA TYR A 440 -25.50 11.14 23.35
C TYR A 440 -25.03 9.77 22.94
N PHE A 441 -25.07 9.45 21.65
CA PHE A 441 -24.34 8.25 21.13
C PHE A 441 -22.82 8.49 21.08
N PHE A 442 -22.40 9.73 21.31
CA PHE A 442 -21.00 10.11 21.17
C PHE A 442 -20.50 10.67 22.45
N LYS A 443 -19.17 10.73 22.58
CA LYS A 443 -18.51 11.41 23.69
C LYS A 443 -17.42 12.29 23.08
N GLU A 444 -17.39 13.56 23.46
CA GLU A 444 -16.35 14.49 23.04
C GLU A 444 -15.05 14.13 23.73
N LEU A 445 -13.96 13.98 22.98
CA LEU A 445 -12.68 13.48 23.55
C LEU A 445 -11.61 14.56 23.86
N PRO A 446 -10.64 14.28 24.76
CA PRO A 446 -9.49 15.18 24.94
C PRO A 446 -8.70 15.30 23.62
N LYS A 447 -8.28 16.52 23.27
CA LYS A 447 -7.53 16.80 22.01
C LYS A 447 -6.08 16.29 22.24
N LYS A 448 -5.59 15.46 21.37
CA LYS A 448 -4.22 14.94 21.49
C LYS A 448 -3.39 15.56 20.39
N VAL A 449 -2.15 15.96 20.67
CA VAL A 449 -1.28 16.42 19.60
C VAL A 449 -0.85 15.15 18.82
N MET A 450 -1.08 15.16 17.50
CA MET A 450 -0.96 13.97 16.67
C MET A 450 0.06 14.17 15.54
N LYS A 451 0.88 13.17 15.34
CA LYS A 451 1.93 13.29 14.37
C LYS A 451 1.30 13.42 13.03
N GLY A 452 1.63 14.53 12.41
CA GLY A 452 1.25 14.86 11.05
C GLY A 452 -0.08 15.57 10.92
N VAL A 453 -0.62 16.13 12.00
CA VAL A 453 -2.01 16.62 11.96
C VAL A 453 -2.08 18.02 12.60
N ALA A 454 -2.66 18.98 11.87
CA ALA A 454 -2.63 20.39 12.30
C ALA A 454 -3.75 20.66 13.30
N ASP A 455 -5.00 20.75 12.82
CA ASP A 455 -6.13 21.03 13.69
C ASP A 455 -7.36 20.43 13.09
N SER A 456 -7.51 19.14 13.33
CA SER A 456 -8.84 18.55 13.41
C SER A 456 -9.59 19.40 14.43
N GLY A 457 -10.83 19.77 14.11
CA GLY A 457 -11.71 20.30 15.13
C GLY A 457 -11.90 19.20 16.16
N PRO A 458 -12.99 19.26 16.91
CA PRO A 458 -13.21 18.28 17.96
C PRO A 458 -13.19 16.83 17.42
N LEU A 459 -12.68 15.88 18.23
CA LEU A 459 -12.85 14.44 17.95
C LEU A 459 -13.82 13.78 18.94
N TYR A 460 -14.45 12.69 18.51
CA TYR A 460 -15.46 12.02 19.28
C TYR A 460 -15.24 10.54 19.30
N GLN A 461 -15.60 9.95 20.41
CA GLN A 461 -15.77 8.53 20.47
C GLN A 461 -17.19 8.26 20.07
N TYR A 462 -17.38 7.22 19.28
CA TYR A 462 -18.69 6.71 18.97
C TYR A 462 -18.95 5.69 20.06
N TRP A 463 -19.77 6.08 21.05
CA TRP A 463 -20.03 5.26 22.18
C TRP A 463 -21.08 4.24 21.79
N GLY A 464 -22.00 4.60 20.87
CA GLY A 464 -23.15 3.74 20.51
C GLY A 464 -24.36 3.98 21.41
N ARG A 465 -25.45 3.23 21.25
CA ARG A 465 -26.52 3.21 22.27
C ARG A 465 -25.92 2.58 23.54
N THR A 466 -26.30 3.02 24.73
CA THR A 466 -25.91 2.26 25.94
C THR A 466 -27.05 1.31 26.31
CL CL B . 1.51 -5.65 2.24
CA CA C . 2.23 9.25 2.42
C1 EDO D . -15.09 7.39 -7.90
O1 EDO D . -15.36 8.47 -8.77
C2 EDO D . -13.66 7.56 -7.39
O2 EDO D . -12.76 6.88 -8.29
C1 EDO E . 10.06 -16.65 -16.75
O1 EDO E . 9.95 -16.91 -15.34
C2 EDO E . 11.16 -15.58 -17.05
O2 EDO E . 11.29 -15.32 -18.45
C ACT F . -5.22 -5.44 0.02
O ACT F . -6.43 -5.26 -0.35
OXT ACT F . -4.80 -6.45 0.66
CH3 ACT F . -4.26 -4.45 -0.21
P1 POP G . 3.77 12.00 4.72
O1 POP G . 3.98 10.70 3.98
O2 POP G . 2.65 11.86 5.76
O3 POP G . 5.07 12.64 5.10
O POP G . 3.22 13.11 3.66
P2 POP G . 2.20 12.68 2.49
O4 POP G . 1.07 12.10 3.33
O5 POP G . 1.88 13.93 1.67
O6 POP G . 3.03 11.69 1.70
C1 GOL H . -6.36 -19.98 -7.95
O1 GOL H . -5.98 -21.35 -7.70
C2 GOL H . -6.62 -19.19 -6.66
O2 GOL H . -7.87 -18.39 -6.68
C3 GOL H . -5.40 -18.29 -6.27
O3 GOL H . -4.75 -18.63 -5.04
#